data_8FB3
#
_entry.id   8FB3
#
_cell.length_a   41.867
_cell.length_b   67.612
_cell.length_c   50.589
_cell.angle_alpha   90.00
_cell.angle_beta   100.53
_cell.angle_gamma   90.00
#
_symmetry.space_group_name_H-M   'P 1 21 1'
#
loop_
_entity.id
_entity.type
_entity.pdbx_description
1 polymer 'RNA (34-MER) Riboswitch'
2 non-polymer 7-DEAZA-7-AMINOMETHYL-GUANINE
3 non-polymer 'MAGNESIUM ION'
4 water water
#
_entity_poly.entity_id   1
_entity_poly.type   'polyribonucleotide'
_entity_poly.pdbx_seq_one_letter_code
;UGUGGUUCGCAACCAUCCCACAUAAAAAAACUAG
;
_entity_poly.pdbx_strand_id   A,B,C
#
loop_
_chem_comp.id
_chem_comp.type
_chem_comp.name
_chem_comp.formula
A RNA linking ADENOSINE-5'-MONOPHOSPHATE 'C10 H14 N5 O7 P'
C RNA linking CYTIDINE-5'-MONOPHOSPHATE 'C9 H14 N3 O8 P'
G RNA linking GUANOSINE-5'-MONOPHOSPHATE 'C10 H14 N5 O8 P'
MG non-polymer 'MAGNESIUM ION' 'Mg 2'
PRF non-polymer 7-DEAZA-7-AMINOMETHYL-GUANINE 'C7 H9 N5 O'
U RNA linking URIDINE-5'-MONOPHOSPHATE 'C9 H13 N2 O9 P'
#
# COMPACT_ATOMS: atom_id res chain seq x y z
N1 PRF D . -12.64 -4.94 -12.90
C2 PRF D . -11.44 -5.04 -12.32
N3 PRF D . -11.24 -5.53 -11.07
C4 PRF D . -12.29 -5.93 -10.31
C5 PRF D . -13.64 -5.84 -10.90
C6 PRF D . -13.77 -5.31 -12.27
O6 PRF D . -14.88 -5.20 -12.82
C7 PRF D . -14.55 -6.34 -9.85
C10 PRF D . -16.05 -6.48 -9.93
N11 PRF D . -16.47 -6.53 -11.31
C8 PRF D . -13.73 -6.69 -8.78
N9 PRF D . -12.42 -6.44 -9.07
N2 PRF D . -10.36 -4.65 -13.04
N1 PRF E . -13.73 -3.21 -8.02
C2 PRF E . -12.39 -3.11 -7.89
N3 PRF E . -11.59 -2.70 -8.90
C4 PRF E . -12.09 -2.36 -10.11
C5 PRF E . -13.54 -2.45 -10.31
C6 PRF E . -14.36 -2.91 -9.16
O6 PRF E . -15.61 -3.00 -9.25
C7 PRF E . -13.76 -2.03 -11.70
C10 PRF E . -15.07 -1.93 -12.44
N11 PRF E . -14.83 -2.00 -13.87
C8 PRF E . -12.49 -1.73 -12.21
N9 PRF E . -11.54 -1.94 -11.26
N2 PRF E . -11.82 -3.43 -6.71
MG MG F . -2.30 5.87 -13.86
MG MG G . -21.82 0.66 -5.98
N1 PRF H . 9.29 11.97 -9.96
C2 PRF H . 9.29 11.85 -8.61
N3 PRF H . 9.00 10.68 -7.98
C4 PRF H . 8.70 9.56 -8.68
C5 PRF H . 8.68 9.65 -10.16
C6 PRF H . 8.99 10.95 -10.78
O6 PRF H . 8.99 11.10 -12.01
C7 PRF H . 8.32 8.28 -10.61
C10 PRF H . 8.16 7.79 -12.03
N11 PRF H . 8.19 6.33 -12.03
C8 PRF H . 8.16 7.53 -9.45
N9 PRF H . 8.39 8.30 -8.34
N2 PRF H . 9.59 12.93 -7.85
N1 PRF I . 5.16 9.02 -9.59
C2 PRF I . 5.33 9.35 -8.29
N3 PRF I . 5.61 10.61 -7.88
C4 PRF I . 5.72 11.63 -8.76
C5 PRF I . 5.53 11.33 -10.19
C6 PRF I . 5.24 9.92 -10.57
O6 PRF I . 5.08 9.60 -11.77
C7 PRF I . 5.71 12.63 -10.88
C10 PRF I . 5.63 12.90 -12.36
N11 PRF I . 6.95 12.74 -12.96
C8 PRF I . 5.97 13.55 -9.88
N9 PRF I . 5.97 12.95 -8.65
N2 PRF I . 5.24 8.37 -7.35
N1 PRF J . 4.20 -7.03 21.48
C2 PRF J . 3.87 -5.77 21.11
N3 PRF J . 4.28 -5.23 19.94
C4 PRF J . 5.04 -5.93 19.07
C5 PRF J . 5.43 -7.30 19.42
C6 PRF J . 4.95 -7.83 20.72
O6 PRF J . 5.23 -9.00 21.08
C7 PRF J . 6.25 -7.77 18.28
C10 PRF J . 6.92 -9.12 18.09
N11 PRF J . 7.33 -9.21 16.69
C8 PRF J . 6.29 -6.71 17.40
N9 PRF J . 5.59 -5.65 17.87
N2 PRF J . 3.11 -5.01 21.93
N1 PRF K . 8.33 -5.01 19.54
C2 PRF K . 7.71 -3.82 19.65
N3 PRF K . 7.01 -3.45 20.76
C4 PRF K . 6.90 -4.29 21.82
C5 PRF K . 7.57 -5.59 21.76
C6 PRF K . 8.31 -5.93 20.52
O6 PRF K . 8.90 -7.03 20.40
C7 PRF K . 7.26 -6.25 23.06
C10 PRF K . 7.70 -7.61 23.53
N11 PRF K . 6.66 -8.59 23.29
C8 PRF K . 6.49 -5.32 23.75
N9 PRF K . 6.29 -4.20 23.02
N2 PRF K . 7.77 -2.95 18.62
MG MG L . 18.13 -8.70 21.03
#